data_6RX8
#
_entry.id   6RX8
#
_cell.length_a   143.160
_cell.length_b   144.230
_cell.length_c   144.451
_cell.angle_alpha   90.000
_cell.angle_beta   90.000
_cell.angle_gamma   90.000
#
_symmetry.space_group_name_H-M   'F 2 2 2'
#
loop_
_entity.id
_entity.type
_entity.pdbx_description
1 polymer 'Argininosuccinate lyase'
2 non-polymer 'FUMARIC ACID'
3 non-polymer 'SODIUM ION'
4 water water
#
_entity_poly.entity_id   1
_entity_poly.type   'polypeptide(L)'
_entity_poly.pdbx_seq_one_letter_code
;MNINVPDATRIGRATGAKAPEFQELYDFDAAALTLTSAVFPYDSQIHRAHVVMLTEQGILTVEESATILSGLAQVDELAA
TDGSLRTYLPYEAALKRTIGSVAGKMHIGRSRNDLANAGKRMFLRDQLLRTIEAVIGYREAVVHKAADHLDTVMVVYTQR
KEAQPITLGHYLMAISENLAKNLDRYRELYARINLCPLGAAATAGTGWPLNRDRTSALLGFDGLVVNSIEGVAGWDHVAE
HAFVNAVFLSGLSRLASEIQLWSTDEYQVAELDASFAGTSSIMPQKKNPMSLERSRKAAFAAMGPLVGILTSLNAIEYQM
SAARVELEPRSIDALIAATHAMTGVVRTLHPNKERMRQYAAENYSTMTDLTDMLVRRVGIDYREAHEIVAHVVITAIEKG
IKANKIGLDLVQEAAVAQTGAGINVSADDIKDALDPWQNVLRREGKGMPAPMSVKASIDDAMAELHKDRAWLANATQALA
NAKQTLADSVQQIIQTDRKYLRHHHHHH
;
_entity_poly.pdbx_strand_id   A
#
# COMPACT_ATOMS: atom_id res chain seq x y z
N VAL A 5 16.33 21.94 19.64
CA VAL A 5 17.13 22.50 18.56
C VAL A 5 16.42 22.38 17.21
N PRO A 6 16.71 23.26 16.26
CA PRO A 6 16.04 23.22 14.96
C PRO A 6 16.41 21.96 14.19
N ASP A 7 15.52 21.58 13.26
CA ASP A 7 15.82 20.54 12.27
C ASP A 7 16.91 21.09 11.36
N ALA A 8 18.14 20.60 11.56
CA ALA A 8 19.28 21.17 10.84
C ALA A 8 19.23 20.90 9.35
N THR A 9 18.34 20.04 8.88
CA THR A 9 18.18 19.87 7.44
C THR A 9 17.29 20.94 6.82
N ARG A 10 16.54 21.69 7.62
CA ARG A 10 15.62 22.70 7.08
C ARG A 10 16.38 24.01 6.91
N ILE A 11 17.18 24.04 5.86
CA ILE A 11 18.02 25.18 5.54
C ILE A 11 17.78 25.51 4.08
N GLY A 12 18.12 26.75 3.71
CA GLY A 12 17.95 27.17 2.33
C GLY A 12 16.56 26.88 1.82
N ARG A 13 16.47 26.22 0.68
CA ARG A 13 15.17 26.01 0.05
C ARG A 13 14.32 24.98 0.77
N ALA A 14 14.86 24.30 1.77
CA ALA A 14 14.06 23.37 2.58
C ALA A 14 13.47 24.17 3.73
N THR A 15 12.44 24.95 3.42
CA THR A 15 11.83 25.87 4.36
C THR A 15 10.77 25.17 5.19
N GLY A 16 10.55 25.71 6.38
CA GLY A 16 9.62 25.12 7.31
C GLY A 16 10.09 23.76 7.78
N ALA A 17 9.17 23.07 8.44
CA ALA A 17 9.43 21.74 8.97
C ALA A 17 9.13 20.69 7.92
N LYS A 18 9.76 19.54 8.05
CA LYS A 18 9.31 18.38 7.30
C LYS A 18 7.84 18.15 7.63
N ALA A 19 7.06 17.81 6.62
CA ALA A 19 5.74 17.27 6.88
C ALA A 19 5.88 16.08 7.83
N PRO A 20 4.93 15.89 8.76
CA PRO A 20 4.97 14.67 9.59
C PRO A 20 5.09 13.40 8.76
N GLU A 21 4.34 13.28 7.65
CA GLU A 21 4.45 12.07 6.85
C GLU A 21 5.85 11.91 6.26
N PHE A 22 6.51 13.02 5.95
CA PHE A 22 7.86 12.97 5.43
C PHE A 22 8.82 12.50 6.52
N GLN A 23 8.68 13.07 7.73
CA GLN A 23 9.51 12.67 8.86
C GLN A 23 9.41 11.18 9.14
N GLU A 24 8.24 10.55 8.90
CA GLU A 24 8.11 9.12 9.14
C GLU A 24 9.17 8.33 8.39
N LEU A 25 9.54 8.78 7.20
CA LEU A 25 10.57 8.06 6.43
C LEU A 25 11.90 8.06 7.16
N TYR A 26 12.15 9.02 8.04
CA TYR A 26 13.42 9.09 8.77
C TYR A 26 13.42 8.30 10.07
N ASP A 27 12.24 8.00 10.61
CA ASP A 27 12.16 7.48 11.97
C ASP A 27 11.94 5.98 12.05
N PHE A 28 11.40 5.34 11.02
CA PHE A 28 10.91 3.97 11.18
C PHE A 28 12.06 3.00 11.40
N ASP A 29 13.23 3.27 10.82
CA ASP A 29 14.33 2.31 10.90
C ASP A 29 14.82 2.15 12.34
N ALA A 30 15.15 3.26 13.00
CA ALA A 30 15.62 3.16 14.38
C ALA A 30 14.50 2.74 15.33
N ALA A 31 13.24 3.00 14.97
CA ALA A 31 12.12 2.75 15.86
C ALA A 31 11.54 1.35 15.72
N ALA A 32 11.85 0.66 14.62
CA ALA A 32 11.23 -0.63 14.36
C ALA A 32 11.54 -1.61 15.47
N LEU A 33 10.51 -2.35 15.86
CA LEU A 33 10.69 -3.46 16.79
C LEU A 33 11.31 -4.65 16.08
N THR A 34 12.00 -5.49 16.84
CA THR A 34 12.28 -6.82 16.34
C THR A 34 10.97 -7.60 16.20
N LEU A 35 10.99 -8.63 15.37
CA LEU A 35 9.83 -9.50 15.28
C LEU A 35 9.48 -10.08 16.65
N THR A 36 10.51 -10.44 17.44
CA THR A 36 10.24 -11.02 18.74
C THR A 36 9.44 -10.06 19.61
N SER A 37 9.87 -8.80 19.67
CA SER A 37 9.17 -7.84 20.52
C SER A 37 7.81 -7.47 19.95
N ALA A 38 7.68 -7.45 18.62
CA ALA A 38 6.41 -7.12 18.01
C ALA A 38 5.36 -8.21 18.28
N VAL A 39 5.77 -9.47 18.27
CA VAL A 39 4.85 -10.59 18.41
C VAL A 39 4.57 -10.92 19.87
N PHE A 40 5.46 -10.54 20.77
CA PHE A 40 5.32 -10.90 22.17
C PHE A 40 3.96 -10.56 22.75
N PRO A 41 3.43 -9.34 22.62
CA PRO A 41 2.11 -9.07 23.19
C PRO A 41 1.02 -9.98 22.66
N TYR A 42 1.12 -10.43 21.40
CA TYR A 42 0.16 -11.38 20.88
C TYR A 42 0.32 -12.75 21.51
N ASP A 43 1.57 -13.17 21.76
CA ASP A 43 1.78 -14.40 22.52
C ASP A 43 1.09 -14.34 23.87
N SER A 44 1.18 -13.19 24.56
CA SER A 44 0.52 -13.04 25.85
C SER A 44 -0.99 -13.21 25.72
N GLN A 45 -1.58 -12.64 24.68
CA GLN A 45 -3.00 -12.86 24.44
C GLN A 45 -3.30 -14.33 24.20
N ILE A 46 -2.42 -15.01 23.45
CA ILE A 46 -2.62 -16.43 23.17
C ILE A 46 -2.57 -17.24 24.46
N HIS A 47 -1.61 -16.97 25.34
CA HIS A 47 -1.58 -17.64 26.63
C HIS A 47 -2.93 -17.53 27.34
N ARG A 48 -3.49 -16.33 27.36
CA ARG A 48 -4.77 -16.14 28.04
C ARG A 48 -5.88 -16.90 27.33
N ALA A 49 -5.95 -16.77 26.00
CA ALA A 49 -7.01 -17.46 25.27
C ALA A 49 -6.87 -18.97 25.40
N HIS A 50 -5.65 -19.47 25.27
CA HIS A 50 -5.42 -20.89 25.45
C HIS A 50 -5.83 -21.35 26.83
N VAL A 51 -5.43 -20.63 27.87
CA VAL A 51 -5.75 -21.02 29.24
C VAL A 51 -7.26 -20.95 29.48
N VAL A 52 -7.92 -19.90 28.99
CA VAL A 52 -9.37 -19.83 29.13
C VAL A 52 -10.02 -21.06 28.49
N MET A 53 -9.59 -21.39 27.27
CA MET A 53 -10.13 -22.54 26.56
C MET A 53 -9.90 -23.83 27.34
N LEU A 54 -8.68 -24.03 27.85
CA LEU A 54 -8.42 -25.20 28.68
C LEU A 54 -9.35 -25.22 29.89
N THR A 55 -9.69 -24.04 30.43
CA THR A 55 -10.60 -23.99 31.57
C THR A 55 -12.00 -24.43 31.15
N GLU A 56 -12.50 -23.88 30.04
CA GLU A 56 -13.78 -24.33 29.52
C GLU A 56 -13.81 -25.84 29.29
N GLN A 57 -12.70 -26.39 28.80
CA GLN A 57 -12.60 -27.82 28.54
C GLN A 57 -12.37 -28.65 29.80
N GLY A 58 -12.25 -28.02 30.97
CA GLY A 58 -12.01 -28.77 32.18
C GLY A 58 -10.61 -29.32 32.32
N ILE A 59 -9.71 -28.96 31.40
CA ILE A 59 -8.32 -29.39 31.53
C ILE A 59 -7.63 -28.66 32.67
N LEU A 60 -7.97 -27.40 32.87
CA LEU A 60 -7.55 -26.66 34.05
C LEU A 60 -8.76 -26.37 34.92
N THR A 61 -8.57 -26.43 36.23
CA THR A 61 -9.59 -25.91 37.13
C THR A 61 -9.60 -24.38 37.06
N VAL A 62 -10.70 -23.80 37.53
CA VAL A 62 -10.79 -22.35 37.60
C VAL A 62 -9.69 -21.81 38.50
N GLU A 63 -9.37 -22.55 39.58
CA GLU A 63 -8.34 -22.11 40.51
C GLU A 63 -6.97 -22.09 39.84
N GLU A 64 -6.60 -23.17 39.15
CA GLU A 64 -5.36 -23.19 38.38
C GLU A 64 -5.35 -22.09 37.33
N SER A 65 -6.45 -21.93 36.59
CA SER A 65 -6.55 -20.91 35.56
C SER A 65 -6.33 -19.52 36.14
N ALA A 66 -7.01 -19.20 37.24
CA ALA A 66 -6.83 -17.90 37.88
C ALA A 66 -5.38 -17.66 38.26
N THR A 67 -4.73 -18.68 38.82
CA THR A 67 -3.35 -18.52 39.25
C THR A 67 -2.45 -18.23 38.07
N ILE A 68 -2.62 -18.96 36.97
CA ILE A 68 -1.85 -18.73 35.77
C ILE A 68 -2.15 -17.35 35.20
N LEU A 69 -3.44 -17.03 35.04
CA LEU A 69 -3.81 -15.78 34.41
C LEU A 69 -3.27 -14.58 35.18
N SER A 70 -3.33 -14.64 36.52
CA SER A 70 -2.73 -13.57 37.31
C SER A 70 -1.22 -13.52 37.11
N GLY A 71 -0.58 -14.69 37.05
CA GLY A 71 0.84 -14.72 36.77
C GLY A 71 1.19 -14.13 35.42
N LEU A 72 0.37 -14.40 34.40
CA LEU A 72 0.67 -13.86 33.06
C LEU A 72 0.76 -12.35 33.10
N ALA A 73 -0.13 -11.69 33.85
CA ALA A 73 -0.05 -10.24 33.97
C ALA A 73 1.27 -9.80 34.61
N GLN A 74 1.70 -10.52 35.65
CA GLN A 74 2.95 -10.18 36.32
C GLN A 74 4.16 -10.37 35.40
N VAL A 75 4.21 -11.48 34.66
CA VAL A 75 5.35 -11.69 33.79
C VAL A 75 5.31 -10.72 32.62
N ASP A 76 4.12 -10.47 32.06
CA ASP A 76 4.00 -9.45 31.02
C ASP A 76 4.65 -8.16 31.49
N GLU A 77 4.39 -7.77 32.74
CA GLU A 77 4.93 -6.51 33.25
C GLU A 77 6.46 -6.58 33.36
N LEU A 78 6.99 -7.69 33.85
CA LEU A 78 8.44 -7.85 33.88
C LEU A 78 9.02 -7.74 32.48
N ALA A 79 8.34 -8.35 31.50
CA ALA A 79 8.84 -8.42 30.13
C ALA A 79 8.78 -7.08 29.43
N ALA A 80 7.98 -6.13 29.94
CA ALA A 80 7.96 -4.81 29.33
C ALA A 80 9.35 -4.17 29.36
N THR A 81 10.16 -4.51 30.37
CA THR A 81 11.51 -3.97 30.46
C THR A 81 12.60 -5.03 30.34
N ASP A 82 12.26 -6.31 30.37
CA ASP A 82 13.24 -7.38 30.29
C ASP A 82 12.98 -8.15 29.01
N GLY A 83 13.72 -7.80 27.95
CA GLY A 83 13.50 -8.40 26.66
C GLY A 83 13.79 -9.89 26.62
N SER A 84 14.59 -10.39 27.57
CA SER A 84 14.88 -11.82 27.61
C SER A 84 13.64 -12.66 27.89
N LEU A 85 12.56 -12.07 28.36
CA LEU A 85 11.37 -12.82 28.72
C LEU A 85 10.36 -12.87 27.58
N ARG A 86 10.71 -12.39 26.40
CA ARG A 86 9.74 -12.26 25.32
C ARG A 86 9.69 -13.46 24.38
N THR A 87 10.54 -14.46 24.59
CA THR A 87 10.41 -15.73 23.89
C THR A 87 9.83 -16.75 24.87
N TYR A 88 9.29 -17.84 24.31
CA TYR A 88 8.33 -18.62 25.06
C TYR A 88 8.96 -19.33 26.26
N LEU A 89 10.02 -20.10 26.05
CA LEU A 89 10.53 -20.87 27.18
C LEU A 89 11.05 -19.97 28.30
N PRO A 90 11.79 -18.88 28.05
CA PRO A 90 12.10 -17.96 29.15
C PRO A 90 10.85 -17.37 29.82
N TYR A 91 9.81 -17.06 29.03
CA TYR A 91 8.59 -16.51 29.60
C TYR A 91 7.93 -17.52 30.52
N GLU A 92 7.78 -18.75 30.04
CA GLU A 92 7.21 -19.81 30.85
C GLU A 92 8.01 -20.01 32.14
N ALA A 93 9.34 -19.99 32.04
CA ALA A 93 10.18 -20.18 33.23
C ALA A 93 9.99 -19.05 34.23
N ALA A 94 9.87 -17.82 33.74
CA ALA A 94 9.59 -16.70 34.63
C ALA A 94 8.21 -16.85 35.27
N LEU A 95 7.23 -17.34 34.50
CA LEU A 95 5.91 -17.61 35.07
C LEU A 95 6.01 -18.64 36.18
N LYS A 96 6.77 -19.72 35.96
CA LYS A 96 7.00 -20.73 36.98
C LYS A 96 7.68 -20.14 38.21
N ARG A 97 8.66 -19.26 38.02
CA ARG A 97 9.29 -18.64 39.17
C ARG A 97 8.34 -17.71 39.90
N THR A 98 7.31 -17.21 39.21
CA THR A 98 6.37 -16.26 39.76
C THR A 98 5.23 -16.95 40.51
N ILE A 99 4.65 -18.00 39.95
CA ILE A 99 3.46 -18.61 40.54
C ILE A 99 3.67 -20.05 40.94
N GLY A 100 4.77 -20.67 40.60
CA GLY A 100 4.98 -22.07 40.90
C GLY A 100 4.75 -22.96 39.70
N SER A 101 4.83 -24.27 39.97
CA SER A 101 4.88 -25.24 38.90
C SER A 101 3.61 -25.28 38.05
N VAL A 102 2.48 -24.81 38.58
CA VAL A 102 1.25 -24.76 37.80
C VAL A 102 1.45 -23.95 36.52
N ALA A 103 2.46 -23.07 36.49
CA ALA A 103 2.78 -22.35 35.27
C ALA A 103 2.91 -23.29 34.07
N GLY A 104 3.51 -24.46 34.27
CA GLY A 104 3.74 -25.38 33.18
C GLY A 104 2.47 -25.88 32.52
N LYS A 105 1.36 -25.84 33.24
CA LYS A 105 0.13 -26.38 32.68
C LYS A 105 -0.41 -25.51 31.56
N MET A 106 0.04 -24.27 31.42
CA MET A 106 -0.50 -23.47 30.35
C MET A 106 -0.08 -23.98 28.98
N HIS A 107 0.89 -24.89 28.90
CA HIS A 107 1.37 -25.40 27.63
C HIS A 107 0.73 -26.72 27.24
N ILE A 108 -0.21 -27.22 28.06
CA ILE A 108 -0.88 -28.47 27.77
C ILE A 108 -1.51 -28.39 26.40
N GLY A 109 -1.24 -29.39 25.56
CA GLY A 109 -1.84 -29.43 24.24
C GLY A 109 -1.30 -28.42 23.28
N ARG A 110 -0.15 -27.82 23.59
CA ARG A 110 0.35 -26.70 22.81
C ARG A 110 1.83 -26.87 22.54
N SER A 111 2.28 -26.14 21.53
CA SER A 111 3.66 -26.15 21.10
C SER A 111 4.14 -24.71 20.94
N ARG A 112 5.45 -24.53 20.89
CA ARG A 112 5.94 -23.27 20.35
C ARG A 112 5.59 -23.12 18.87
N ASN A 113 5.35 -24.22 18.16
CA ASN A 113 5.13 -24.11 16.72
C ASN A 113 3.78 -23.49 16.41
N ASP A 114 2.70 -23.98 17.04
CA ASP A 114 1.41 -23.37 16.73
C ASP A 114 1.27 -22.04 17.45
N LEU A 115 1.86 -21.90 18.63
CA LEU A 115 1.92 -20.59 19.30
C LEU A 115 2.56 -19.55 18.41
N ALA A 116 3.73 -19.88 17.85
CA ALA A 116 4.48 -18.92 17.07
C ALA A 116 3.75 -18.56 15.78
N ASN A 117 3.23 -19.57 15.08
CA ASN A 117 2.52 -19.28 13.84
C ASN A 117 1.31 -18.41 14.11
N ALA A 118 0.59 -18.71 15.19
CA ALA A 118 -0.59 -17.93 15.55
C ALA A 118 -0.21 -16.51 15.96
N GLY A 119 0.82 -16.37 16.80
CA GLY A 119 1.23 -15.04 17.20
C GLY A 119 1.67 -14.19 16.02
N LYS A 120 2.44 -14.77 15.11
CA LYS A 120 2.85 -14.03 13.93
C LYS A 120 1.67 -13.65 13.06
N ARG A 121 0.69 -14.55 12.92
CA ARG A 121 -0.53 -14.21 12.20
C ARG A 121 -1.24 -13.03 12.85
N MET A 122 -1.35 -13.02 14.18
CA MET A 122 -2.02 -11.93 14.88
C MET A 122 -1.28 -10.63 14.63
N PHE A 123 0.05 -10.66 14.72
CA PHE A 123 0.85 -9.51 14.36
C PHE A 123 0.58 -9.06 12.94
N LEU A 124 0.71 -9.99 11.98
CA LEU A 124 0.50 -9.64 10.58
C LEU A 124 -0.93 -9.19 10.34
N ARG A 125 -1.89 -9.79 11.04
CA ARG A 125 -3.28 -9.38 10.92
C ARG A 125 -3.44 -7.91 11.27
N ASP A 126 -2.96 -7.50 12.45
CA ASP A 126 -3.04 -6.10 12.83
C ASP A 126 -2.28 -5.22 11.85
N GLN A 127 -1.11 -5.68 11.40
CA GLN A 127 -0.32 -4.89 10.46
C GLN A 127 -0.99 -4.81 9.11
N LEU A 128 -1.75 -5.84 8.74
CA LEU A 128 -2.51 -5.79 7.50
C LEU A 128 -3.66 -4.80 7.60
N LEU A 129 -4.35 -4.75 8.73
CA LEU A 129 -5.37 -3.71 8.90
C LEU A 129 -4.72 -2.33 8.91
N ARG A 130 -3.59 -2.19 9.60
CA ARG A 130 -2.83 -0.94 9.56
C ARG A 130 -2.47 -0.56 8.12
N THR A 131 -2.03 -1.53 7.32
CA THR A 131 -1.68 -1.28 5.93
C THR A 131 -2.91 -0.91 5.10
N ILE A 132 -3.99 -1.69 5.21
CA ILE A 132 -5.23 -1.36 4.51
C ILE A 132 -5.68 0.05 4.86
N GLU A 133 -5.56 0.42 6.14
CA GLU A 133 -5.95 1.76 6.53
C GLU A 133 -5.12 2.79 5.79
N ALA A 134 -3.80 2.58 5.75
CA ALA A 134 -2.91 3.51 5.06
C ALA A 134 -3.19 3.56 3.56
N VAL A 135 -3.43 2.40 2.94
CA VAL A 135 -3.71 2.38 1.50
C VAL A 135 -5.01 3.13 1.22
N ILE A 136 -6.01 2.95 2.08
CA ILE A 136 -7.25 3.72 1.93
C ILE A 136 -6.98 5.22 2.04
N GLY A 137 -6.20 5.62 3.05
CA GLY A 137 -5.83 7.03 3.16
C GLY A 137 -5.12 7.55 1.92
N TYR A 138 -4.26 6.71 1.34
CA TYR A 138 -3.56 7.04 0.10
C TYR A 138 -4.55 7.18 -1.05
N ARG A 139 -5.46 6.22 -1.19
CA ARG A 139 -6.47 6.32 -2.24
C ARG A 139 -7.37 7.54 -2.03
N GLU A 140 -7.71 7.84 -0.78
CA GLU A 140 -8.54 9.01 -0.51
C GLU A 140 -7.85 10.28 -1.00
N ALA A 141 -6.56 10.43 -0.69
CA ALA A 141 -5.80 11.59 -1.16
C ALA A 141 -5.80 11.66 -2.68
N VAL A 142 -5.61 10.51 -3.33
CA VAL A 142 -5.55 10.46 -4.79
C VAL A 142 -6.88 10.88 -5.41
N VAL A 143 -7.97 10.28 -4.95
CA VAL A 143 -9.28 10.57 -5.52
C VAL A 143 -9.70 12.01 -5.19
N HIS A 144 -9.50 12.43 -3.95
CA HIS A 144 -9.89 13.78 -3.58
C HIS A 144 -9.06 14.81 -4.32
N LYS A 145 -7.77 14.52 -4.56
CA LYS A 145 -6.97 15.37 -5.42
C LYS A 145 -7.51 15.38 -6.84
N ALA A 146 -7.87 14.20 -7.38
CA ALA A 146 -8.40 14.16 -8.74
C ALA A 146 -9.63 15.02 -8.90
N ALA A 147 -10.51 15.01 -7.89
CA ALA A 147 -11.76 15.75 -7.97
C ALA A 147 -11.52 17.24 -8.18
N ASP A 148 -10.37 17.76 -7.77
CA ASP A 148 -10.04 19.17 -7.94
C ASP A 148 -9.33 19.47 -9.25
N HIS A 149 -9.05 18.46 -10.07
CA HIS A 149 -8.23 18.64 -11.26
C HIS A 149 -8.85 18.00 -12.48
N LEU A 150 -10.18 18.11 -12.58
CA LEU A 150 -10.87 17.66 -13.79
C LEU A 150 -10.50 18.52 -15.00
N ASP A 151 -10.11 19.78 -14.76
CA ASP A 151 -9.85 20.73 -15.83
C ASP A 151 -8.36 20.98 -16.02
N THR A 152 -7.50 20.26 -15.30
CA THR A 152 -6.07 20.50 -15.31
C THR A 152 -5.46 19.75 -16.48
N VAL A 153 -5.60 20.34 -17.67
CA VAL A 153 -5.12 19.69 -18.87
C VAL A 153 -3.61 19.52 -18.78
N MET A 154 -3.13 18.36 -19.21
CA MET A 154 -1.70 18.06 -19.21
C MET A 154 -1.48 16.86 -20.11
N VAL A 155 -0.23 16.61 -20.47
CA VAL A 155 0.06 15.45 -21.30
C VAL A 155 0.24 14.23 -20.43
N VAL A 156 -0.22 13.09 -20.94
CA VAL A 156 0.19 11.78 -20.46
C VAL A 156 1.39 11.31 -21.27
N TYR A 157 2.24 10.51 -20.64
CA TYR A 157 3.43 9.98 -21.25
C TYR A 157 3.27 8.49 -21.51
N THR A 158 3.89 8.04 -22.60
CA THR A 158 4.25 6.64 -22.75
C THR A 158 5.73 6.60 -23.15
N GLN A 159 6.47 5.65 -22.60
CA GLN A 159 7.90 5.54 -22.89
C GLN A 159 8.63 6.85 -22.60
N ARG A 160 8.16 7.58 -21.59
CA ARG A 160 8.76 8.85 -21.19
C ARG A 160 8.77 9.87 -22.32
N LYS A 161 7.79 9.79 -23.21
CA LYS A 161 7.59 10.74 -24.28
C LYS A 161 6.15 11.21 -24.26
N GLU A 162 5.93 12.50 -24.55
CA GLU A 162 4.57 13.02 -24.52
C GLU A 162 3.71 12.27 -25.53
N ALA A 163 2.55 11.78 -25.07
CA ALA A 163 1.69 10.91 -25.85
C ALA A 163 0.44 11.66 -26.30
N GLN A 164 -0.46 11.99 -25.40
CA GLN A 164 -1.71 12.65 -25.76
C GLN A 164 -2.16 13.53 -24.61
N PRO A 165 -3.09 14.45 -24.85
CA PRO A 165 -3.60 15.27 -23.73
C PRO A 165 -4.57 14.49 -22.85
N ILE A 166 -4.43 14.70 -21.54
CA ILE A 166 -5.34 14.18 -20.55
C ILE A 166 -5.60 15.28 -19.53
N THR A 167 -5.99 14.90 -18.33
CA THR A 167 -6.00 15.83 -17.21
C THR A 167 -5.31 15.19 -16.02
N LEU A 168 -4.88 16.03 -15.09
CA LEU A 168 -4.29 15.50 -13.87
C LEU A 168 -5.29 14.61 -13.13
N GLY A 169 -6.57 15.00 -13.14
CA GLY A 169 -7.56 14.14 -12.52
C GLY A 169 -7.62 12.77 -13.19
N HIS A 170 -7.56 12.76 -14.53
CA HIS A 170 -7.54 11.49 -15.25
C HIS A 170 -6.37 10.63 -14.81
N TYR A 171 -5.18 11.22 -14.71
CA TYR A 171 -4.01 10.46 -14.30
C TYR A 171 -4.19 9.90 -12.89
N LEU A 172 -4.64 10.73 -11.96
CA LEU A 172 -4.79 10.27 -10.59
C LEU A 172 -5.79 9.12 -10.50
N MET A 173 -6.81 9.10 -11.36
CA MET A 173 -7.77 8.00 -11.28
C MET A 173 -7.20 6.69 -11.82
N ALA A 174 -6.13 6.72 -12.61
CA ALA A 174 -5.40 5.49 -12.87
C ALA A 174 -4.87 4.91 -11.57
N ILE A 175 -4.26 5.77 -10.73
CA ILE A 175 -3.71 5.33 -9.46
C ILE A 175 -4.83 4.79 -8.58
N SER A 176 -5.99 5.47 -8.58
CA SER A 176 -7.11 4.99 -7.79
C SER A 176 -7.48 3.57 -8.18
N GLU A 177 -7.53 3.27 -9.48
CA GLU A 177 -7.92 1.94 -9.92
C GLU A 177 -6.85 0.92 -9.52
N ASN A 178 -5.57 1.28 -9.62
CA ASN A 178 -4.48 0.45 -9.12
C ASN A 178 -4.68 0.13 -7.64
N LEU A 179 -5.00 1.16 -6.85
CA LEU A 179 -5.13 0.98 -5.41
C LEU A 179 -6.37 0.16 -5.08
N ALA A 180 -7.44 0.35 -5.84
CA ALA A 180 -8.61 -0.49 -5.64
C ALA A 180 -8.24 -1.96 -5.74
N LYS A 181 -7.43 -2.31 -6.73
CA LYS A 181 -7.07 -3.72 -6.91
C LYS A 181 -6.07 -4.16 -5.86
N ASN A 182 -5.17 -3.29 -5.43
CA ASN A 182 -4.28 -3.67 -4.34
C ASN A 182 -5.05 -3.85 -3.04
N LEU A 183 -6.12 -3.08 -2.82
CA LEU A 183 -6.94 -3.30 -1.63
C LEU A 183 -7.64 -4.65 -1.71
N ASP A 184 -8.10 -5.04 -2.91
CA ASP A 184 -8.62 -6.39 -3.08
C ASP A 184 -7.56 -7.42 -2.73
N ARG A 185 -6.32 -7.23 -3.23
CA ARG A 185 -5.26 -8.18 -2.91
C ARG A 185 -5.09 -8.31 -1.41
N TYR A 186 -5.08 -7.17 -0.71
CA TYR A 186 -4.85 -7.18 0.73
C TYR A 186 -6.02 -7.80 1.48
N ARG A 187 -7.25 -7.49 1.10
CA ARG A 187 -8.39 -8.11 1.76
C ARG A 187 -8.46 -9.60 1.47
N GLU A 188 -8.11 -9.99 0.24
CA GLU A 188 -8.04 -11.41 -0.06
C GLU A 188 -7.01 -12.10 0.80
N LEU A 189 -5.84 -11.46 0.95
CA LEU A 189 -4.82 -11.98 1.86
C LEU A 189 -5.33 -12.03 3.29
N TYR A 190 -6.06 -11.00 3.73
CA TYR A 190 -6.52 -10.98 5.11
C TYR A 190 -7.33 -12.22 5.47
N ALA A 191 -8.13 -12.71 4.53
CA ALA A 191 -8.94 -13.89 4.82
C ALA A 191 -8.08 -15.11 5.05
N ARG A 192 -6.89 -15.17 4.45
CA ARG A 192 -5.97 -16.27 4.69
C ARG A 192 -5.10 -16.05 5.92
N ILE A 193 -4.76 -14.79 6.24
CA ILE A 193 -3.98 -14.52 7.46
C ILE A 193 -4.84 -14.79 8.69
N ASN A 194 -6.12 -14.43 8.62
CA ASN A 194 -6.98 -14.47 9.81
C ASN A 194 -7.59 -15.85 10.02
N LEU A 195 -6.73 -16.86 9.99
CA LEU A 195 -7.08 -18.24 10.28
C LEU A 195 -6.22 -18.73 11.42
N CYS A 196 -6.83 -19.46 12.36
CA CYS A 196 -6.14 -19.81 13.60
C CYS A 196 -5.50 -21.17 13.50
N PRO A 197 -4.19 -21.30 13.68
CA PRO A 197 -3.55 -22.62 13.68
C PRO A 197 -3.46 -23.28 15.05
N LEU A 198 -3.89 -22.60 16.12
CA LEU A 198 -3.77 -23.16 17.45
C LEU A 198 -4.57 -24.45 17.55
N GLY A 199 -4.02 -25.42 18.27
CA GLY A 199 -4.53 -26.77 18.30
C GLY A 199 -3.74 -27.73 17.45
N ALA A 200 -2.97 -27.23 16.48
CA ALA A 200 -2.03 -28.08 15.76
C ALA A 200 -0.89 -28.55 16.65
N ALA A 201 -0.64 -27.87 17.76
CA ALA A 201 0.46 -28.21 18.68
C ALA A 201 1.74 -28.32 17.87
N ALA A 202 2.48 -29.42 17.98
CA ALA A 202 3.76 -29.51 17.33
C ALA A 202 3.62 -29.54 15.83
N THR A 203 2.54 -30.17 15.34
CA THR A 203 2.33 -30.41 13.91
C THR A 203 1.30 -31.50 13.67
N ALA A 204 0.90 -32.21 14.74
CA ALA A 204 -0.02 -33.35 14.62
C ALA A 204 -1.20 -33.26 15.58
N GLY A 205 -1.49 -32.07 16.11
CA GLY A 205 -2.55 -31.98 17.08
C GLY A 205 -2.12 -32.57 18.41
N THR A 206 -3.11 -33.04 19.18
CA THR A 206 -2.87 -33.46 20.54
C THR A 206 -4.00 -34.38 20.95
N GLY A 207 -3.71 -35.26 21.91
CA GLY A 207 -4.76 -36.04 22.51
C GLY A 207 -5.59 -35.30 23.53
N TRP A 208 -5.18 -34.11 23.93
CA TRP A 208 -5.98 -33.33 24.87
C TRP A 208 -7.24 -32.83 24.15
N PRO A 209 -8.41 -32.82 24.81
CA PRO A 209 -9.65 -32.42 24.11
C PRO A 209 -9.80 -30.91 24.00
N LEU A 210 -8.96 -30.31 23.16
CA LEU A 210 -9.03 -28.88 22.93
C LEU A 210 -10.30 -28.54 22.15
N ASN A 211 -10.79 -27.34 22.37
CA ASN A 211 -11.82 -26.76 21.51
C ASN A 211 -11.10 -25.69 20.68
N ARG A 212 -10.68 -26.08 19.47
CA ARG A 212 -9.91 -25.17 18.63
C ARG A 212 -10.74 -23.98 18.20
N ASP A 213 -12.06 -24.16 18.08
CA ASP A 213 -12.91 -23.06 17.67
C ASP A 213 -12.95 -21.97 18.74
N ARG A 214 -12.94 -22.36 20.02
CA ARG A 214 -13.03 -21.38 21.10
C ARG A 214 -11.77 -20.52 21.17
N THR A 215 -10.59 -21.15 21.14
CA THR A 215 -9.35 -20.39 21.11
C THR A 215 -9.32 -19.44 19.92
N SER A 216 -9.71 -19.94 18.75
CA SER A 216 -9.77 -19.11 17.56
C SER A 216 -10.70 -17.91 17.78
N ALA A 217 -11.91 -18.16 18.29
CA ALA A 217 -12.86 -17.07 18.48
C ALA A 217 -12.35 -16.07 19.51
N LEU A 218 -11.77 -16.57 20.61
CA LEU A 218 -11.27 -15.68 21.64
C LEU A 218 -10.19 -14.75 21.10
N LEU A 219 -9.46 -15.20 20.07
CA LEU A 219 -8.37 -14.42 19.50
C LEU A 219 -8.77 -13.70 18.21
N GLY A 220 -10.06 -13.63 17.90
CA GLY A 220 -10.53 -12.82 16.78
C GLY A 220 -10.32 -13.41 15.41
N PHE A 221 -9.95 -14.68 15.32
CA PHE A 221 -9.79 -15.34 14.04
C PHE A 221 -11.16 -15.66 13.44
N ASP A 222 -11.23 -15.66 12.12
CA ASP A 222 -12.49 -15.92 11.42
C ASP A 222 -12.67 -17.37 11.03
N GLY A 223 -11.70 -18.19 11.30
CA GLY A 223 -11.69 -19.60 10.90
C GLY A 223 -10.42 -20.25 11.38
N LEU A 224 -10.30 -21.53 11.08
CA LEU A 224 -9.16 -22.35 11.49
C LEU A 224 -8.28 -22.64 10.28
N VAL A 225 -7.01 -22.79 10.51
CA VAL A 225 -6.13 -23.49 9.59
C VAL A 225 -6.44 -24.91 10.07
N VAL A 226 -7.09 -25.72 9.27
CA VAL A 226 -7.64 -26.99 9.76
C VAL A 226 -6.54 -28.01 9.99
N ASN A 227 -5.91 -28.51 8.94
CA ASN A 227 -4.87 -29.55 9.01
C ASN A 227 -3.72 -29.12 9.93
N SER A 228 -3.30 -29.95 10.84
CA SER A 228 -2.33 -29.55 11.86
C SER A 228 -0.94 -29.33 11.29
N ILE A 229 -0.57 -30.11 10.27
CA ILE A 229 0.67 -29.82 9.54
C ILE A 229 0.58 -28.46 8.87
N GLU A 230 -0.51 -28.21 8.14
CA GLU A 230 -0.67 -26.90 7.53
C GLU A 230 -0.60 -25.81 8.58
N GLY A 231 -1.09 -26.09 9.79
CA GLY A 231 -1.10 -25.08 10.83
C GLY A 231 0.27 -24.62 11.26
N VAL A 232 1.27 -25.51 11.22
CA VAL A 232 2.63 -25.15 11.60
C VAL A 232 3.56 -25.00 10.40
N ALA A 233 3.35 -25.77 9.33
CA ALA A 233 4.22 -25.69 8.17
C ALA A 233 3.82 -24.57 7.24
N GLY A 234 2.54 -24.20 7.26
CA GLY A 234 1.98 -23.22 6.37
C GLY A 234 2.60 -21.84 6.54
N TRP A 235 3.04 -21.26 5.44
CA TRP A 235 3.76 -20.00 5.44
C TRP A 235 3.42 -19.17 4.22
N ASP A 236 2.51 -19.65 3.35
CA ASP A 236 2.30 -18.98 2.09
C ASP A 236 1.74 -17.59 2.32
N HIS A 237 0.97 -17.42 3.39
CA HIS A 237 0.41 -16.12 3.73
C HIS A 237 1.51 -15.12 4.04
N VAL A 238 2.63 -15.57 4.59
CA VAL A 238 3.75 -14.66 4.83
C VAL A 238 4.35 -14.22 3.51
N ALA A 239 4.58 -15.18 2.61
CA ALA A 239 5.03 -14.85 1.26
C ALA A 239 4.05 -13.93 0.56
N GLU A 240 2.75 -14.21 0.70
CA GLU A 240 1.77 -13.40 0.01
C GLU A 240 1.73 -11.99 0.57
N HIS A 241 1.84 -11.86 1.89
CA HIS A 241 1.92 -10.54 2.50
C HIS A 241 3.11 -9.77 1.93
N ALA A 242 4.25 -10.43 1.83
CA ALA A 242 5.42 -9.77 1.28
C ALA A 242 5.21 -9.41 -0.18
N PHE A 243 4.52 -10.26 -0.91
CA PHE A 243 4.30 -9.96 -2.32
C PHE A 243 3.39 -8.76 -2.51
N VAL A 244 2.24 -8.74 -1.80
CA VAL A 244 1.32 -7.63 -2.03
C VAL A 244 1.99 -6.33 -1.64
N ASN A 245 2.76 -6.34 -0.55
CA ASN A 245 3.55 -5.16 -0.20
C ASN A 245 4.43 -4.74 -1.37
N ALA A 246 5.13 -5.70 -1.96
CA ALA A 246 6.08 -5.39 -3.02
C ALA A 246 5.37 -4.85 -4.25
N VAL A 247 4.27 -5.48 -4.66
CA VAL A 247 3.61 -5.04 -5.89
C VAL A 247 2.89 -3.72 -5.64
N PHE A 248 2.21 -3.60 -4.50
CA PHE A 248 1.64 -2.30 -4.14
C PHE A 248 2.71 -1.22 -4.12
N LEU A 249 3.83 -1.49 -3.47
CA LEU A 249 4.89 -0.47 -3.43
C LEU A 249 5.49 -0.21 -4.81
N SER A 250 5.49 -1.20 -5.72
CA SER A 250 6.01 -0.90 -7.06
C SER A 250 5.15 0.14 -7.76
N GLY A 251 3.85 0.15 -7.49
CA GLY A 251 3.00 1.18 -8.06
C GLY A 251 3.23 2.52 -7.41
N LEU A 252 3.54 2.50 -6.11
CA LEU A 252 3.88 3.72 -5.39
C LEU A 252 5.20 4.26 -5.88
N SER A 253 6.16 3.37 -6.15
CA SER A 253 7.41 3.81 -6.77
C SER A 253 7.15 4.49 -8.10
N ARG A 254 6.24 3.94 -8.90
CA ARG A 254 5.97 4.48 -10.22
C ARG A 254 5.34 5.85 -10.15
N LEU A 255 4.42 6.07 -9.23
CA LEU A 255 3.87 7.40 -9.02
C LEU A 255 4.96 8.35 -8.54
N ALA A 256 5.78 7.90 -7.58
CA ALA A 256 6.86 8.73 -7.10
C ALA A 256 7.79 9.11 -8.23
N SER A 257 8.13 8.13 -9.08
CA SER A 257 8.99 8.41 -10.22
C SER A 257 8.31 9.38 -11.18
N GLU A 258 7.01 9.16 -11.44
CA GLU A 258 6.27 10.04 -12.32
C GLU A 258 6.35 11.48 -11.84
N ILE A 259 6.07 11.69 -10.55
CA ILE A 259 6.07 13.02 -9.98
C ILE A 259 7.48 13.58 -9.97
N GLN A 260 8.47 12.73 -9.73
CA GLN A 260 9.85 13.21 -9.77
C GLN A 260 10.19 13.75 -11.15
N LEU A 261 9.72 13.10 -12.20
CA LEU A 261 9.98 13.61 -13.54
C LEU A 261 9.18 14.89 -13.78
N TRP A 262 7.91 14.88 -13.40
CA TRP A 262 7.12 16.11 -13.48
C TRP A 262 7.83 17.28 -12.82
N SER A 263 8.50 17.03 -11.69
CA SER A 263 9.10 18.10 -10.90
C SER A 263 10.59 18.29 -11.20
N THR A 264 11.12 17.66 -12.26
CA THR A 264 12.46 18.00 -12.69
C THR A 264 12.53 19.49 -13.03
N ASP A 265 13.75 20.02 -12.99
CA ASP A 265 13.97 21.37 -13.46
C ASP A 265 13.54 21.55 -14.91
N GLU A 266 13.58 20.46 -15.70
CA GLU A 266 13.33 20.56 -17.14
C GLU A 266 11.85 20.43 -17.48
N TYR A 267 11.13 19.51 -16.86
CA TYR A 267 9.68 19.43 -17.05
C TYR A 267 8.98 20.63 -16.42
N GLN A 268 9.24 20.84 -15.12
CA GLN A 268 8.63 21.90 -14.33
C GLN A 268 7.12 21.94 -14.43
N VAL A 269 6.48 20.77 -14.50
CA VAL A 269 5.03 20.76 -14.56
C VAL A 269 4.39 20.53 -13.20
N ALA A 270 5.16 20.21 -12.18
CA ALA A 270 4.64 20.11 -10.82
C ALA A 270 5.78 20.41 -9.87
N GLU A 271 5.42 20.86 -8.68
CA GLU A 271 6.40 21.16 -7.65
C GLU A 271 5.94 20.51 -6.36
N LEU A 272 6.87 19.86 -5.68
CA LEU A 272 6.58 19.30 -4.38
C LEU A 272 6.33 20.41 -3.39
N ASP A 273 5.40 20.19 -2.47
CA ASP A 273 5.29 21.07 -1.32
C ASP A 273 6.65 21.12 -0.61
N ALA A 274 7.01 22.32 -0.15
CA ALA A 274 8.27 22.50 0.56
C ALA A 274 8.43 21.47 1.67
N SER A 275 7.32 21.12 2.32
CA SER A 275 7.33 20.21 3.46
C SER A 275 7.62 18.77 3.05
N PHE A 276 7.70 18.50 1.75
CA PHE A 276 8.07 17.18 1.23
C PHE A 276 9.34 17.19 0.41
N ALA A 277 10.11 18.28 0.48
CA ALA A 277 11.38 18.39 -0.23
C ALA A 277 12.50 18.62 0.77
N GLY A 278 13.72 18.28 0.35
CA GLY A 278 14.89 18.58 1.15
C GLY A 278 15.80 19.49 0.36
N THR A 279 17.00 19.77 0.86
CA THR A 279 17.94 20.51 0.03
C THR A 279 19.31 19.84 0.17
N SER A 280 20.32 20.53 -0.35
CA SER A 280 21.69 20.03 -0.37
C SER A 280 22.56 20.78 0.64
N SER A 281 23.49 20.06 1.25
CA SER A 281 24.45 20.72 2.12
C SER A 281 25.45 21.58 1.37
N ILE A 282 25.56 21.42 0.05
CA ILE A 282 26.56 22.11 -0.75
C ILE A 282 25.93 22.99 -1.82
N MET A 283 24.91 22.49 -2.51
CA MET A 283 24.30 23.16 -3.66
C MET A 283 23.09 23.94 -3.20
N PRO A 284 23.17 25.25 -3.04
CA PRO A 284 22.04 25.96 -2.44
C PRO A 284 20.80 25.95 -3.31
N GLN A 285 20.92 25.67 -4.61
CA GLN A 285 19.74 25.73 -5.48
C GLN A 285 18.83 24.52 -5.34
N LYS A 286 19.26 23.45 -4.65
CA LYS A 286 18.53 22.19 -4.70
C LYS A 286 17.22 22.25 -3.92
N LYS A 287 16.15 21.82 -4.57
CA LYS A 287 14.89 21.45 -3.93
C LYS A 287 14.75 19.96 -4.26
N ASN A 288 15.21 19.11 -3.35
CA ASN A 288 15.41 17.70 -3.67
C ASN A 288 14.16 16.90 -3.38
N PRO A 289 13.78 16.00 -4.30
CA PRO A 289 12.60 15.16 -4.13
C PRO A 289 12.85 14.00 -3.17
N MET A 290 13.34 14.34 -1.97
CA MET A 290 13.81 13.35 -1.03
C MET A 290 12.69 12.46 -0.53
N SER A 291 11.49 13.01 -0.36
CA SER A 291 10.34 12.18 -0.02
C SER A 291 10.12 11.12 -1.10
N LEU A 292 10.23 11.51 -2.37
CA LEU A 292 9.98 10.57 -3.45
C LEU A 292 11.05 9.47 -3.47
N GLU A 293 12.31 9.86 -3.32
CA GLU A 293 13.38 8.87 -3.50
C GLU A 293 13.43 7.91 -2.32
N ARG A 294 13.17 8.42 -1.10
CA ARG A 294 13.11 7.51 0.04
C ARG A 294 11.87 6.63 -0.04
N SER A 295 10.80 7.12 -0.65
CA SER A 295 9.65 6.26 -0.86
C SER A 295 9.97 5.16 -1.86
N ARG A 296 10.68 5.50 -2.94
CA ARG A 296 11.09 4.48 -3.89
C ARG A 296 12.05 3.49 -3.23
N LYS A 297 12.96 4.00 -2.39
CA LYS A 297 13.88 3.12 -1.70
C LYS A 297 13.15 2.02 -0.95
N ALA A 298 12.08 2.39 -0.23
CA ALA A 298 11.30 1.39 0.48
C ALA A 298 10.65 0.40 -0.48
N ALA A 299 10.14 0.88 -1.61
CA ALA A 299 9.58 -0.02 -2.62
C ALA A 299 10.62 -1.04 -3.05
N PHE A 300 11.84 -0.56 -3.37
CA PHE A 300 12.88 -1.47 -3.82
C PHE A 300 13.24 -2.45 -2.71
N ALA A 301 13.35 -1.95 -1.48
CA ALA A 301 13.73 -2.80 -0.36
C ALA A 301 12.70 -3.91 -0.13
N ALA A 302 11.42 -3.65 -0.43
CA ALA A 302 10.38 -4.63 -0.20
C ALA A 302 10.54 -5.87 -1.07
N MET A 303 11.34 -5.78 -2.14
CA MET A 303 11.71 -6.97 -2.91
C MET A 303 12.42 -7.99 -2.03
N GLY A 304 13.16 -7.51 -1.04
CA GLY A 304 14.04 -8.34 -0.26
C GLY A 304 13.32 -9.41 0.51
N PRO A 305 12.38 -9.01 1.37
CA PRO A 305 11.66 -10.02 2.16
C PRO A 305 10.94 -11.02 1.28
N LEU A 306 10.32 -10.55 0.20
CA LEU A 306 9.61 -11.45 -0.72
C LEU A 306 10.56 -12.54 -1.22
N VAL A 307 11.75 -12.15 -1.66
CA VAL A 307 12.67 -13.15 -2.18
C VAL A 307 13.21 -14.04 -1.07
N GLY A 308 13.55 -13.47 0.08
CA GLY A 308 14.04 -14.29 1.18
C GLY A 308 13.02 -15.30 1.65
N ILE A 309 11.77 -14.88 1.80
CA ILE A 309 10.72 -15.78 2.26
C ILE A 309 10.52 -16.91 1.25
N LEU A 310 10.38 -16.56 -0.03
CA LEU A 310 10.16 -17.59 -1.04
C LEU A 310 11.37 -18.49 -1.17
N THR A 311 12.56 -17.94 -1.07
CA THR A 311 13.75 -18.76 -1.11
C THR A 311 13.71 -19.81 -0.01
N SER A 312 13.36 -19.38 1.22
CA SER A 312 13.38 -20.28 2.36
C SER A 312 12.32 -21.37 2.19
N LEU A 313 11.16 -21.03 1.60
CA LEU A 313 10.14 -22.05 1.38
C LEU A 313 10.57 -23.03 0.30
N ASN A 314 11.31 -22.57 -0.71
CA ASN A 314 11.85 -23.44 -1.74
C ASN A 314 12.98 -24.32 -1.22
N ALA A 315 13.45 -24.10 0.01
CA ALA A 315 14.64 -24.76 0.51
C ALA A 315 14.33 -25.91 1.45
N ILE A 316 13.07 -26.13 1.81
CA ILE A 316 12.74 -27.03 2.90
C ILE A 316 11.71 -28.05 2.46
N GLU A 317 11.18 -28.82 3.41
CA GLU A 317 10.08 -29.74 3.20
C GLU A 317 8.77 -29.08 3.64
N TYR A 318 7.65 -29.82 3.53
CA TYR A 318 6.38 -29.26 3.97
C TYR A 318 6.19 -29.53 5.46
N GLN A 319 7.12 -28.92 6.22
CA GLN A 319 7.27 -29.13 7.64
C GLN A 319 7.35 -27.78 8.35
N MET A 320 7.09 -27.79 9.64
CA MET A 320 7.61 -26.73 10.48
C MET A 320 9.14 -26.72 10.33
N SER A 321 9.69 -25.55 10.09
CA SER A 321 11.11 -25.36 9.91
C SER A 321 11.48 -24.02 10.53
N ALA A 322 12.57 -24.01 11.30
CA ALA A 322 13.13 -22.78 11.83
C ALA A 322 13.98 -22.03 10.80
N ALA A 323 14.11 -22.56 9.58
CA ALA A 323 14.85 -21.87 8.54
C ALA A 323 13.99 -20.92 7.72
N ARG A 324 12.68 -20.84 7.99
CA ARG A 324 11.83 -19.99 7.18
C ARG A 324 12.11 -18.52 7.49
N VAL A 325 12.13 -17.70 6.47
CA VAL A 325 12.36 -16.27 6.60
C VAL A 325 11.01 -15.61 6.91
N GLU A 326 11.06 -14.62 7.77
CA GLU A 326 9.89 -13.92 8.28
C GLU A 326 9.68 -12.62 7.52
N LEU A 327 8.46 -12.11 7.60
CA LEU A 327 8.20 -10.71 7.26
C LEU A 327 8.34 -9.89 8.54
N GLU A 328 9.26 -8.97 8.53
CA GLU A 328 9.66 -8.32 9.78
C GLU A 328 9.00 -6.96 9.94
N PRO A 329 8.86 -6.53 11.19
CA PRO A 329 8.22 -5.22 11.45
C PRO A 329 8.81 -4.08 10.65
N ARG A 330 10.13 -3.98 10.58
CA ARG A 330 10.74 -2.83 9.94
C ARG A 330 10.35 -2.76 8.46
N SER A 331 10.12 -3.91 7.83
CA SER A 331 9.68 -3.89 6.44
C SER A 331 8.29 -3.28 6.32
N ILE A 332 7.35 -3.71 7.17
CA ILE A 332 6.02 -3.13 7.12
C ILE A 332 6.07 -1.67 7.50
N ASP A 333 6.85 -1.33 8.53
CA ASP A 333 6.97 0.06 8.96
C ASP A 333 7.42 0.94 7.80
N ALA A 334 8.36 0.43 6.97
CA ALA A 334 8.83 1.21 5.84
C ALA A 334 7.71 1.44 4.83
N LEU A 335 6.91 0.41 4.56
CA LEU A 335 5.77 0.57 3.67
C LEU A 335 4.81 1.63 4.19
N ILE A 336 4.52 1.60 5.50
CA ILE A 336 3.56 2.57 6.04
C ILE A 336 4.12 3.98 5.91
N ALA A 337 5.40 4.16 6.24
CA ALA A 337 6.03 5.47 6.11
C ALA A 337 5.97 5.97 4.68
N ALA A 338 6.34 5.11 3.72
CA ALA A 338 6.32 5.52 2.33
C ALA A 338 4.89 5.81 1.88
N THR A 339 3.92 5.01 2.34
CA THR A 339 2.54 5.23 1.92
C THR A 339 2.00 6.53 2.49
N HIS A 340 2.26 6.78 3.78
CA HIS A 340 1.90 8.05 4.38
C HIS A 340 2.58 9.22 3.68
N ALA A 341 3.88 9.08 3.39
CA ALA A 341 4.61 10.16 2.72
C ALA A 341 3.97 10.48 1.38
N MET A 342 3.69 9.46 0.58
CA MET A 342 3.12 9.68 -0.75
C MET A 342 1.69 10.16 -0.66
N THR A 343 0.97 9.78 0.40
CA THR A 343 -0.34 10.36 0.66
C THR A 343 -0.23 11.89 0.78
N GLY A 344 0.71 12.36 1.60
CA GLY A 344 0.89 13.80 1.74
C GLY A 344 1.47 14.45 0.50
N VAL A 345 2.39 13.75 -0.18
CA VAL A 345 2.93 14.28 -1.44
C VAL A 345 1.79 14.56 -2.40
N VAL A 346 0.89 13.60 -2.58
CA VAL A 346 -0.21 13.76 -3.52
C VAL A 346 -1.14 14.87 -3.06
N ARG A 347 -1.50 14.86 -1.77
CA ARG A 347 -2.41 15.88 -1.25
C ARG A 347 -1.87 17.27 -1.52
N THR A 348 -0.59 17.49 -1.24
CA THR A 348 -0.04 18.83 -1.29
C THR A 348 0.68 19.15 -2.60
N LEU A 349 0.69 18.24 -3.57
CA LEU A 349 1.39 18.50 -4.83
C LEU A 349 0.85 19.75 -5.50
N HIS A 350 1.77 20.58 -5.99
CA HIS A 350 1.41 21.83 -6.66
C HIS A 350 1.63 21.68 -8.15
N PRO A 351 0.60 21.40 -8.94
CA PRO A 351 0.79 21.35 -10.39
C PRO A 351 0.97 22.75 -10.95
N ASN A 352 1.82 22.87 -11.97
N ASN A 352 1.84 22.86 -11.95
CA ASN A 352 1.97 24.14 -12.67
CA ASN A 352 1.99 24.08 -12.73
C ASN A 352 1.03 24.07 -13.87
C ASN A 352 0.98 23.97 -13.87
N LYS A 353 -0.21 24.52 -13.64
CA LYS A 353 -1.28 24.34 -14.63
C LYS A 353 -0.93 24.99 -15.95
N GLU A 354 -0.32 26.20 -15.89
CA GLU A 354 0.00 26.93 -17.12
C GLU A 354 1.01 26.15 -17.95
N ARG A 355 2.06 25.62 -17.32
CA ARG A 355 3.05 24.89 -18.10
C ARG A 355 2.51 23.56 -18.59
N MET A 356 1.68 22.89 -17.78
CA MET A 356 1.05 21.66 -18.24
C MET A 356 0.28 21.90 -19.53
N ARG A 357 -0.53 22.97 -19.54
CA ARG A 357 -1.27 23.31 -20.75
C ARG A 357 -0.34 23.67 -21.90
N GLN A 358 0.73 24.42 -21.61
CA GLN A 358 1.67 24.82 -22.65
C GLN A 358 2.22 23.60 -23.38
N TYR A 359 2.72 22.62 -22.63
CA TYR A 359 3.25 21.42 -23.26
C TYR A 359 2.18 20.73 -24.09
N ALA A 360 0.99 20.55 -23.52
CA ALA A 360 -0.10 19.89 -24.24
C ALA A 360 -0.37 20.58 -25.58
N ALA A 361 -0.36 21.90 -25.58
CA ALA A 361 -0.70 22.66 -26.78
C ALA A 361 0.46 22.74 -27.77
N GLU A 362 1.70 22.65 -27.29
CA GLU A 362 2.86 22.99 -28.10
C GLU A 362 3.71 21.81 -28.54
N ASN A 363 3.75 20.70 -27.79
CA ASN A 363 4.77 19.68 -28.01
C ASN A 363 4.25 18.44 -28.76
N TYR A 364 3.16 18.57 -29.50
CA TYR A 364 2.69 17.64 -30.54
C TYR A 364 1.90 16.45 -30.02
N SER A 365 1.48 16.47 -28.76
CA SER A 365 0.64 15.39 -28.27
C SER A 365 -0.73 15.38 -28.91
N THR A 366 -1.11 16.44 -29.61
CA THR A 366 -2.41 16.50 -30.28
C THR A 366 -2.40 15.87 -31.66
N MET A 367 -1.29 15.31 -32.12
CA MET A 367 -1.21 14.85 -33.51
C MET A 367 -2.14 13.68 -33.78
N THR A 368 -2.45 12.86 -32.77
CA THR A 368 -3.40 11.77 -33.01
C THR A 368 -4.74 12.34 -33.45
N ASP A 369 -5.22 13.37 -32.76
CA ASP A 369 -6.51 13.94 -33.14
C ASP A 369 -6.45 14.51 -34.54
N LEU A 370 -5.31 15.10 -34.93
CA LEU A 370 -5.14 15.53 -36.31
C LEU A 370 -5.28 14.35 -37.26
N THR A 371 -4.66 13.23 -36.91
CA THR A 371 -4.73 12.03 -37.75
C THR A 371 -6.14 11.49 -37.82
N ASP A 372 -6.80 11.35 -36.66
CA ASP A 372 -8.16 10.85 -36.62
C ASP A 372 -9.08 11.74 -37.44
N MET A 373 -8.84 13.04 -37.43
CA MET A 373 -9.69 13.96 -38.16
C MET A 373 -9.57 13.72 -39.66
N LEU A 374 -8.35 13.44 -40.16
CA LEU A 374 -8.18 13.16 -41.57
C LEU A 374 -8.93 11.90 -41.97
N VAL A 375 -8.87 10.86 -41.13
CA VAL A 375 -9.61 9.64 -41.40
C VAL A 375 -11.11 9.91 -41.38
N ARG A 376 -11.58 10.58 -40.31
CA ARG A 376 -13.01 10.84 -40.16
C ARG A 376 -13.52 11.75 -41.25
N ARG A 377 -12.72 12.73 -41.66
CA ARG A 377 -13.18 13.74 -42.60
C ARG A 377 -13.05 13.32 -44.07
N VAL A 378 -11.88 12.82 -44.49
CA VAL A 378 -11.69 12.49 -45.89
C VAL A 378 -11.71 10.99 -46.15
N GLY A 379 -11.80 10.17 -45.11
CA GLY A 379 -12.02 8.75 -45.27
C GLY A 379 -10.80 7.94 -45.62
N ILE A 380 -9.60 8.55 -45.65
CA ILE A 380 -8.39 7.75 -45.87
C ILE A 380 -8.21 6.81 -44.69
N ASP A 381 -7.42 5.77 -44.89
CA ASP A 381 -7.15 4.81 -43.83
C ASP A 381 -6.18 5.41 -42.81
N TYR A 382 -6.14 4.78 -41.62
CA TYR A 382 -5.38 5.38 -40.53
C TYR A 382 -3.90 5.42 -40.86
N ARG A 383 -3.39 4.39 -41.55
CA ARG A 383 -1.95 4.32 -41.77
C ARG A 383 -1.47 5.44 -42.71
N GLU A 384 -2.27 5.77 -43.72
CA GLU A 384 -1.85 6.86 -44.62
C GLU A 384 -1.95 8.21 -43.95
N ALA A 385 -3.01 8.44 -43.17
CA ALA A 385 -3.13 9.68 -42.43
C ALA A 385 -1.96 9.82 -41.45
N HIS A 386 -1.64 8.73 -40.76
CA HIS A 386 -0.52 8.71 -39.83
C HIS A 386 0.75 9.20 -40.50
N GLU A 387 1.04 8.69 -41.70
CA GLU A 387 2.27 9.06 -42.39
C GLU A 387 2.27 10.55 -42.74
N ILE A 388 1.11 11.09 -43.11
CA ILE A 388 1.02 12.52 -43.40
C ILE A 388 1.33 13.34 -42.16
N VAL A 389 0.69 12.98 -41.04
CA VAL A 389 0.84 13.78 -39.82
C VAL A 389 2.25 13.66 -39.27
N ALA A 390 2.88 12.48 -39.37
CA ALA A 390 4.27 12.38 -38.99
C ALA A 390 5.13 13.39 -39.75
N HIS A 391 4.88 13.53 -41.06
CA HIS A 391 5.61 14.51 -41.86
C HIS A 391 5.28 15.92 -41.39
N VAL A 392 4.03 16.18 -41.01
CA VAL A 392 3.68 17.46 -40.42
C VAL A 392 4.59 17.75 -39.23
N VAL A 393 4.73 16.77 -38.32
CA VAL A 393 5.57 16.95 -37.14
C VAL A 393 7.03 17.17 -37.52
N ILE A 394 7.56 16.27 -38.36
CA ILE A 394 8.96 16.37 -38.77
C ILE A 394 9.21 17.76 -39.32
N THR A 395 8.34 18.20 -40.23
CA THR A 395 8.49 19.53 -40.80
C THR A 395 8.33 20.59 -39.72
N ALA A 396 7.33 20.45 -38.86
CA ALA A 396 7.11 21.45 -37.82
C ALA A 396 8.34 21.61 -36.93
N ILE A 397 8.90 20.49 -36.46
CA ILE A 397 10.11 20.57 -35.64
C ILE A 397 11.23 21.28 -36.38
N GLU A 398 11.45 20.89 -37.65
CA GLU A 398 12.52 21.50 -38.43
C GLU A 398 12.36 23.01 -38.51
N LYS A 399 11.13 23.48 -38.74
CA LYS A 399 10.87 24.91 -38.90
C LYS A 399 10.59 25.61 -37.57
N GLY A 400 10.68 24.91 -36.45
CA GLY A 400 10.42 25.53 -35.15
C GLY A 400 8.98 25.95 -34.95
N ILE A 401 8.03 25.20 -35.47
CA ILE A 401 6.62 25.52 -35.41
C ILE A 401 6.00 24.66 -34.31
N LYS A 402 5.56 25.30 -33.23
CA LYS A 402 4.87 24.59 -32.17
C LYS A 402 3.54 24.02 -32.68
N ALA A 403 3.10 22.94 -32.05
CA ALA A 403 1.92 22.23 -32.54
C ALA A 403 0.72 23.17 -32.70
N ASN A 404 0.53 24.09 -31.76
CA ASN A 404 -0.67 24.92 -31.81
C ASN A 404 -0.58 26.00 -32.86
N LYS A 405 0.56 26.12 -33.54
CA LYS A 405 0.72 27.02 -34.67
C LYS A 405 0.72 26.28 -36.01
N ILE A 406 0.47 24.96 -36.00
CA ILE A 406 0.35 24.22 -37.25
C ILE A 406 -0.95 24.60 -37.92
N GLY A 407 -0.87 24.95 -39.20
CA GLY A 407 -2.03 25.40 -39.94
C GLY A 407 -2.31 24.63 -41.21
N LEU A 408 -3.26 25.12 -42.00
CA LEU A 408 -3.66 24.43 -43.22
C LEU A 408 -2.49 24.28 -44.17
N ASP A 409 -1.70 25.35 -44.36
CA ASP A 409 -0.59 25.31 -45.31
C ASP A 409 0.42 24.22 -44.97
N LEU A 410 0.76 24.07 -43.70
CA LEU A 410 1.75 23.05 -43.33
C LEU A 410 1.18 21.66 -43.53
N VAL A 411 -0.11 21.45 -43.23
CA VAL A 411 -0.71 20.15 -43.39
C VAL A 411 -0.81 19.77 -44.87
N GLN A 412 -1.17 20.73 -45.71
CA GLN A 412 -1.28 20.45 -47.15
C GLN A 412 0.08 20.12 -47.74
N GLU A 413 1.12 20.85 -47.35
CA GLU A 413 2.45 20.56 -47.86
C GLU A 413 2.85 19.13 -47.53
N ALA A 414 2.60 18.72 -46.29
CA ALA A 414 2.95 17.37 -45.86
C ALA A 414 2.14 16.34 -46.65
N ALA A 415 0.85 16.60 -46.84
CA ALA A 415 0.03 15.71 -47.64
C ALA A 415 0.60 15.60 -49.06
N VAL A 416 0.95 16.74 -49.67
CA VAL A 416 1.50 16.71 -51.02
C VAL A 416 2.85 16.00 -51.03
N ALA A 417 3.67 16.24 -50.01
CA ALA A 417 5.02 15.67 -49.98
C ALA A 417 4.99 14.16 -49.89
N GLN A 418 4.05 13.61 -49.11
CA GLN A 418 3.96 12.19 -48.85
C GLN A 418 2.99 11.46 -49.78
N THR A 419 2.12 12.17 -50.47
CA THR A 419 1.02 11.59 -51.22
C THR A 419 0.91 12.13 -52.63
N GLY A 420 1.60 13.22 -52.95
CA GLY A 420 1.35 13.91 -54.19
C GLY A 420 0.02 14.63 -54.25
N ALA A 421 -0.83 14.48 -53.24
CA ALA A 421 -2.17 15.03 -53.28
C ALA A 421 -2.46 15.85 -52.04
N GLY A 422 -3.23 16.91 -52.22
CA GLY A 422 -3.73 17.65 -51.10
C GLY A 422 -4.76 16.82 -50.34
N ILE A 423 -5.43 17.47 -49.41
CA ILE A 423 -6.40 16.78 -48.58
C ILE A 423 -7.47 17.79 -48.21
N ASN A 424 -8.72 17.35 -48.28
CA ASN A 424 -9.85 18.28 -48.23
C ASN A 424 -10.33 18.44 -46.80
N VAL A 425 -9.59 19.25 -46.04
CA VAL A 425 -9.95 19.65 -44.69
C VAL A 425 -9.72 21.14 -44.56
N SER A 426 -10.37 21.76 -43.58
CA SER A 426 -10.34 23.20 -43.43
C SER A 426 -9.37 23.60 -42.32
N ALA A 427 -9.05 24.89 -42.29
CA ALA A 427 -8.25 25.42 -41.19
C ALA A 427 -8.94 25.24 -39.86
N ASP A 428 -10.28 25.33 -39.84
CA ASP A 428 -11.03 25.09 -38.62
C ASP A 428 -10.92 23.62 -38.20
N ASP A 429 -11.00 22.70 -39.16
CA ASP A 429 -10.82 21.29 -38.83
C ASP A 429 -9.50 21.08 -38.11
N ILE A 430 -8.42 21.66 -38.65
CA ILE A 430 -7.10 21.50 -38.06
C ILE A 430 -7.02 22.19 -36.70
N LYS A 431 -7.52 23.41 -36.61
CA LYS A 431 -7.50 24.13 -35.34
C LYS A 431 -8.16 23.31 -34.24
N ASP A 432 -9.35 22.81 -34.52
CA ASP A 432 -10.08 22.07 -33.49
C ASP A 432 -9.36 20.78 -33.14
N ALA A 433 -8.74 20.12 -34.14
CA ALA A 433 -8.00 18.89 -33.87
C ALA A 433 -6.77 19.12 -33.01
N LEU A 434 -6.18 20.31 -33.11
CA LEU A 434 -4.96 20.61 -32.38
C LEU A 434 -5.21 21.29 -31.05
N ASP A 435 -6.46 21.58 -30.73
CA ASP A 435 -6.81 22.20 -29.46
C ASP A 435 -6.73 21.13 -28.38
N PRO A 436 -5.76 21.24 -27.47
CA PRO A 436 -5.57 20.15 -26.49
C PRO A 436 -6.79 19.93 -25.60
N TRP A 437 -7.53 20.99 -25.27
CA TRP A 437 -8.73 20.81 -24.47
C TRP A 437 -9.78 20.02 -25.23
N GLN A 438 -9.94 20.32 -26.53
CA GLN A 438 -10.85 19.53 -27.36
C GLN A 438 -10.38 18.09 -27.47
N ASN A 439 -9.06 17.86 -27.46
CA ASN A 439 -8.57 16.49 -27.41
C ASN A 439 -9.12 15.77 -26.17
N VAL A 440 -9.12 16.46 -25.04
CA VAL A 440 -9.64 15.87 -23.81
C VAL A 440 -11.14 15.67 -23.92
N LEU A 441 -11.87 16.69 -24.35
CA LEU A 441 -13.33 16.59 -24.41
C LEU A 441 -13.77 15.48 -25.37
N ARG A 442 -13.04 15.29 -26.46
CA ARG A 442 -13.43 14.23 -27.40
C ARG A 442 -13.21 12.85 -26.82
N ARG A 443 -12.33 12.72 -25.84
CA ARG A 443 -12.04 11.42 -25.21
C ARG A 443 -12.99 11.23 -24.03
N GLU A 444 -14.25 10.94 -24.36
CA GLU A 444 -15.34 10.96 -23.40
C GLU A 444 -15.89 9.56 -23.09
N GLY A 445 -15.26 8.50 -23.57
CA GLY A 445 -15.70 7.16 -23.21
C GLY A 445 -15.28 6.76 -21.80
N LYS A 446 -15.62 5.51 -21.45
CA LYS A 446 -15.28 4.98 -20.13
C LYS A 446 -13.78 4.99 -19.91
N GLY A 447 -13.35 5.63 -18.81
CA GLY A 447 -11.97 5.65 -18.42
C GLY A 447 -11.11 6.66 -19.13
N MET A 448 -11.70 7.55 -19.87
CA MET A 448 -11.01 8.52 -20.67
C MET A 448 -11.02 9.89 -19.98
N PRO A 449 -10.16 10.81 -20.40
CA PRO A 449 -9.91 12.02 -19.59
C PRO A 449 -10.98 13.10 -19.63
N ALA A 450 -12.03 12.99 -20.44
CA ALA A 450 -13.06 14.02 -20.43
C ALA A 450 -13.59 14.22 -19.01
N PRO A 451 -13.74 15.47 -18.55
CA PRO A 451 -14.21 15.68 -17.17
C PRO A 451 -15.45 14.85 -16.80
N MET A 452 -16.42 14.74 -17.71
CA MET A 452 -17.60 13.96 -17.41
C MET A 452 -17.24 12.50 -17.13
N SER A 453 -16.28 11.96 -17.89
CA SER A 453 -15.87 10.57 -17.70
C SER A 453 -15.04 10.40 -16.43
N VAL A 454 -14.12 11.32 -16.18
CA VAL A 454 -13.35 11.23 -14.94
C VAL A 454 -14.25 11.43 -13.74
N LYS A 455 -15.22 12.35 -13.83
CA LYS A 455 -16.13 12.54 -12.71
C LYS A 455 -16.88 11.25 -12.41
N ALA A 456 -17.31 10.54 -13.46
CA ALA A 456 -18.01 9.27 -13.26
C ALA A 456 -17.13 8.28 -12.51
N SER A 457 -15.85 8.21 -12.88
CA SER A 457 -14.92 7.36 -12.15
C SER A 457 -14.74 7.81 -10.72
N ILE A 458 -14.73 9.13 -10.48
CA ILE A 458 -14.58 9.61 -9.12
C ILE A 458 -15.78 9.21 -8.28
N ASP A 459 -16.98 9.42 -8.81
CA ASP A 459 -18.18 8.97 -8.11
C ASP A 459 -18.09 7.50 -7.75
N ASP A 460 -17.73 6.66 -8.72
CA ASP A 460 -17.59 5.24 -8.44
C ASP A 460 -16.53 4.98 -7.39
N ALA A 461 -15.39 5.65 -7.51
CA ALA A 461 -14.33 5.43 -6.54
C ALA A 461 -14.75 5.91 -5.15
N MET A 462 -15.52 7.00 -5.09
CA MET A 462 -15.98 7.46 -3.78
C MET A 462 -16.92 6.43 -3.14
N ALA A 463 -17.78 5.79 -3.94
CA ALA A 463 -18.63 4.73 -3.40
C ALA A 463 -17.80 3.52 -2.99
N GLU A 464 -16.78 3.19 -3.76
CA GLU A 464 -15.90 2.08 -3.40
C GLU A 464 -15.11 2.37 -2.13
N LEU A 465 -14.66 3.62 -1.95
CA LEU A 465 -13.94 4.00 -0.74
C LEU A 465 -14.80 3.86 0.50
N HIS A 466 -16.09 4.18 0.36
CA HIS A 466 -17.01 3.96 1.48
C HIS A 466 -17.03 2.48 1.86
N LYS A 467 -17.03 1.60 0.86
CA LYS A 467 -17.02 0.16 1.15
C LYS A 467 -15.66 -0.27 1.69
N ASP A 468 -14.56 0.31 1.17
CA ASP A 468 -13.25 0.03 1.73
C ASP A 468 -13.23 0.33 3.22
N ARG A 469 -13.70 1.53 3.60
CA ARG A 469 -13.70 1.94 4.99
C ARG A 469 -14.63 1.07 5.82
N ALA A 470 -15.78 0.69 5.27
CA ALA A 470 -16.70 -0.18 6.00
C ALA A 470 -16.07 -1.54 6.24
N TRP A 471 -15.40 -2.10 5.22
CA TRP A 471 -14.72 -3.38 5.40
C TRP A 471 -13.68 -3.29 6.50
N LEU A 472 -12.90 -2.20 6.51
CA LEU A 472 -11.87 -2.03 7.53
C LEU A 472 -12.48 -1.88 8.92
N ALA A 473 -13.53 -1.06 9.04
CA ALA A 473 -14.17 -0.89 10.34
C ALA A 473 -14.71 -2.22 10.87
N ASN A 474 -15.32 -3.02 9.99
CA ASN A 474 -15.86 -4.29 10.42
C ASN A 474 -14.75 -5.24 10.88
N ALA A 475 -13.67 -5.35 10.11
CA ALA A 475 -12.57 -6.22 10.51
C ALA A 475 -11.98 -5.78 11.85
N THR A 476 -11.79 -4.47 12.01
CA THR A 476 -11.20 -3.93 13.24
C THR A 476 -12.11 -4.17 14.43
N GLN A 477 -13.40 -3.88 14.27
CA GLN A 477 -14.34 -4.06 15.37
C GLN A 477 -14.41 -5.52 15.81
N ALA A 478 -14.36 -6.46 14.85
CA ALA A 478 -14.37 -7.87 15.21
C ALA A 478 -13.19 -8.20 16.14
N LEU A 479 -12.01 -7.68 15.84
CA LEU A 479 -10.86 -7.96 16.69
C LEU A 479 -11.01 -7.28 18.05
N ALA A 480 -11.46 -6.03 18.07
CA ALA A 480 -11.67 -5.32 19.33
C ALA A 480 -12.72 -6.03 20.20
N ASN A 481 -13.79 -6.53 19.58
CA ASN A 481 -14.80 -7.24 20.33
C ASN A 481 -14.25 -8.50 20.96
N ALA A 482 -13.44 -9.25 20.21
CA ALA A 482 -12.90 -10.50 20.73
C ALA A 482 -11.88 -10.22 21.84
N LYS A 483 -11.05 -9.20 21.65
CA LYS A 483 -10.07 -8.86 22.68
C LYS A 483 -10.76 -8.46 23.98
N GLN A 484 -11.87 -7.72 23.88
CA GLN A 484 -12.61 -7.35 25.09
C GLN A 484 -13.27 -8.57 25.72
N THR A 485 -13.86 -9.45 24.90
CA THR A 485 -14.42 -10.69 25.44
C THR A 485 -13.36 -11.47 26.19
N LEU A 486 -12.16 -11.59 25.62
CA LEU A 486 -11.09 -12.30 26.28
C LEU A 486 -10.74 -11.64 27.62
N ALA A 487 -10.59 -10.31 27.62
CA ALA A 487 -10.23 -9.61 28.85
C ALA A 487 -11.29 -9.83 29.92
N ASP A 488 -12.57 -9.69 29.55
CA ASP A 488 -13.66 -9.99 30.46
C ASP A 488 -13.54 -11.39 31.03
N SER A 489 -13.26 -12.36 30.17
CA SER A 489 -13.19 -13.75 30.63
C SER A 489 -12.05 -13.95 31.61
N VAL A 490 -10.88 -13.37 31.31
CA VAL A 490 -9.76 -13.46 32.22
C VAL A 490 -10.13 -12.87 33.58
N GLN A 491 -10.70 -11.67 33.58
CA GLN A 491 -11.05 -11.01 34.83
C GLN A 491 -12.06 -11.85 35.60
N GLN A 492 -13.04 -12.42 34.91
CA GLN A 492 -14.04 -13.25 35.59
C GLN A 492 -13.37 -14.40 36.33
N ILE A 493 -12.44 -15.07 35.67
CA ILE A 493 -11.77 -16.20 36.29
C ILE A 493 -10.96 -15.74 37.49
N ILE A 494 -10.12 -14.72 37.30
CA ILE A 494 -9.25 -14.26 38.39
C ILE A 494 -10.10 -13.82 39.58
N GLN A 495 -11.17 -13.07 39.32
CA GLN A 495 -11.96 -12.51 40.41
C GLN A 495 -12.82 -13.57 41.10
N THR A 496 -13.43 -14.47 40.32
CA THR A 496 -14.20 -15.54 40.94
C THR A 496 -13.31 -16.38 41.86
N ASP A 497 -12.11 -16.70 41.41
CA ASP A 497 -11.20 -17.47 42.25
C ASP A 497 -10.84 -16.69 43.52
N ARG A 498 -10.52 -15.41 43.37
CA ARG A 498 -10.08 -14.63 44.53
C ARG A 498 -11.18 -14.55 45.58
N LYS A 499 -12.43 -14.33 45.16
CA LYS A 499 -13.50 -14.05 46.09
C LYS A 499 -14.26 -15.28 46.54
N TYR A 500 -14.32 -16.34 45.74
CA TYR A 500 -15.27 -17.42 46.01
C TYR A 500 -14.68 -18.81 46.07
N LEU A 501 -13.39 -19.00 45.77
CA LEU A 501 -12.82 -20.34 45.72
C LEU A 501 -11.65 -20.57 46.68
#